data_5WTW
#
_entry.id   5WTW
#
_cell.length_a   79.270
_cell.length_b   79.270
_cell.length_c   163.140
_cell.angle_alpha   90.000
_cell.angle_beta   90.000
_cell.angle_gamma   90.000
#
_symmetry.space_group_name_H-M   'P 41 21 2'
#
loop_
_entity.id
_entity.type
_entity.pdbx_description
1 polymer 'Core protein'
2 non-polymer 'CHLORIDE ION'
3 water water
#
_entity_poly.entity_id   1
_entity_poly.type   'polypeptide(L)'
_entity_poly.pdbx_seq_one_letter_code
;MDIDPYKEFGATVELLSFLPSDFFPSVRDLLDTAAALYRDALESPEHCSPHHTALRQAILCWGDLMTLATWVGTNLEDPA
SRDLVVSYVNTNVGLKFRQLLWFHISCLTFGRETVLEYLVSFGVWIRTPPAARPPNAPILST
;
_entity_poly.pdbx_strand_id   A,B
#
loop_
_chem_comp.id
_chem_comp.type
_chem_comp.name
_chem_comp.formula
CL non-polymer 'CHLORIDE ION' 'Cl -1'
#
# COMPACT_ATOMS: atom_id res chain seq x y z
N MET A 1 -9.78 13.52 -1.56
CA MET A 1 -9.78 12.88 -2.86
C MET A 1 -10.58 11.58 -2.86
N ASP A 2 -10.62 10.91 -4.03
CA ASP A 2 -11.31 9.62 -4.22
C ASP A 2 -10.54 8.86 -5.32
N ILE A 3 -9.59 8.03 -4.90
CA ILE A 3 -8.63 7.41 -5.81
C ILE A 3 -9.08 5.98 -6.08
N ASP A 4 -9.47 5.66 -7.31
CA ASP A 4 -9.68 4.25 -7.68
C ASP A 4 -8.32 3.63 -7.99
N PRO A 5 -7.87 2.62 -7.24
CA PRO A 5 -6.52 2.07 -7.47
C PRO A 5 -6.38 1.34 -8.79
N TYR A 6 -7.48 1.03 -9.47
CA TYR A 6 -7.46 0.34 -10.75
C TYR A 6 -7.47 1.29 -11.93
N LYS A 7 -7.65 2.59 -11.67
CA LYS A 7 -7.99 3.47 -12.79
C LYS A 7 -6.80 3.66 -13.71
N GLU A 8 -5.59 3.81 -13.16
CA GLU A 8 -4.42 4.00 -14.03
C GLU A 8 -4.08 2.75 -14.83
N PHE A 9 -4.72 1.63 -14.50
CA PHE A 9 -4.49 0.33 -15.12
C PHE A 9 -5.63 -0.11 -16.03
N GLY A 10 -6.56 0.80 -16.35
CA GLY A 10 -7.66 0.50 -17.25
C GLY A 10 -8.92 -0.10 -16.64
N ALA A 11 -8.89 -0.49 -15.37
CA ALA A 11 -9.99 -1.17 -14.70
C ALA A 11 -10.65 -0.26 -13.66
N THR A 12 -11.70 -0.78 -13.03
CA THR A 12 -12.39 -0.12 -11.91
C THR A 12 -12.64 -1.12 -10.81
N VAL A 13 -12.87 -0.58 -9.61
CA VAL A 13 -13.33 -1.39 -8.48
C VAL A 13 -14.54 -2.24 -8.86
N GLU A 14 -15.48 -1.65 -9.62
CA GLU A 14 -16.68 -2.39 -10.04
C GLU A 14 -16.36 -3.56 -10.98
N LEU A 15 -15.33 -3.41 -11.84
CA LEU A 15 -14.94 -4.52 -12.72
C LEU A 15 -14.35 -5.67 -11.92
N LEU A 16 -13.49 -5.40 -10.95
CA LEU A 16 -13.04 -6.48 -10.08
C LEU A 16 -14.19 -7.03 -9.25
N SER A 17 -15.09 -6.14 -8.77
CA SER A 17 -16.28 -6.56 -8.05
C SER A 17 -17.28 -7.29 -8.92
N PHE A 18 -17.09 -7.26 -10.24
CA PHE A 18 -17.97 -7.94 -11.15
C PHE A 18 -17.73 -9.45 -11.16
N LEU A 19 -16.75 -9.88 -10.49
CA LEU A 19 -16.58 -11.30 -10.36
C LEU A 19 -17.00 -11.72 -8.96
N PRO A 20 -17.49 -12.94 -8.78
CA PRO A 20 -17.99 -13.31 -7.44
C PRO A 20 -16.85 -13.45 -6.46
N SER A 21 -17.09 -13.03 -5.22
CA SER A 21 -16.04 -13.05 -4.21
C SER A 21 -15.48 -14.45 -3.98
N ASP A 22 -16.25 -15.50 -4.31
CA ASP A 22 -15.72 -16.86 -4.28
C ASP A 22 -14.49 -17.01 -5.17
N PHE A 23 -14.41 -16.20 -6.23
CA PHE A 23 -13.53 -16.49 -7.35
C PHE A 23 -12.06 -16.19 -7.03
N PHE A 24 -11.77 -15.20 -6.15
CA PHE A 24 -10.38 -14.81 -6.01
C PHE A 24 -9.69 -15.63 -4.91
N PRO A 25 -8.50 -16.15 -5.20
CA PRO A 25 -7.79 -17.00 -4.22
C PRO A 25 -7.48 -16.26 -2.93
N SER A 26 -7.27 -17.04 -1.85
CA SER A 26 -6.97 -16.48 -0.55
C SER A 26 -5.79 -15.52 -0.63
N VAL A 27 -5.71 -14.56 0.29
CA VAL A 27 -4.56 -13.66 0.31
C VAL A 27 -3.26 -14.44 0.42
N ARG A 28 -3.28 -15.53 1.20
CA ARG A 28 -2.07 -16.32 1.41
C ARG A 28 -1.57 -16.95 0.11
N ASP A 29 -2.47 -17.59 -0.65
CA ASP A 29 -2.07 -18.18 -1.93
C ASP A 29 -1.47 -17.14 -2.85
N LEU A 30 -2.12 -15.97 -2.96
CA LEU A 30 -1.67 -14.93 -3.88
C LEU A 30 -0.28 -14.43 -3.50
N LEU A 31 -0.01 -14.27 -2.20
CA LEU A 31 1.34 -13.94 -1.77
C LEU A 31 2.33 -15.03 -2.23
N ASP A 32 1.96 -16.31 -2.06
CA ASP A 32 2.87 -17.37 -2.47
C ASP A 32 3.13 -17.32 -3.98
N THR A 33 2.07 -17.23 -4.77
CA THR A 33 2.25 -17.03 -6.21
C THR A 33 3.09 -15.79 -6.50
N ALA A 34 2.90 -14.72 -5.71
CA ALA A 34 3.65 -13.49 -5.96
C ALA A 34 5.13 -13.68 -5.64
N ALA A 35 5.44 -14.38 -4.55
CA ALA A 35 6.83 -14.63 -4.20
C ALA A 35 7.43 -15.71 -5.07
N ALA A 36 6.61 -16.59 -5.63
CA ALA A 36 7.15 -17.68 -6.43
C ALA A 36 7.45 -17.26 -7.86
N LEU A 37 6.95 -16.12 -8.30
CA LEU A 37 7.09 -15.62 -9.66
C LEU A 37 7.86 -14.32 -9.75
N TYR A 38 7.65 -13.41 -8.81
CA TYR A 38 8.24 -12.08 -8.88
C TYR A 38 8.90 -11.69 -7.57
N ARG A 39 9.33 -12.67 -6.77
CA ARG A 39 10.13 -12.34 -5.60
C ARG A 39 11.28 -11.43 -5.97
N ASP A 40 12.21 -11.93 -6.78
CA ASP A 40 13.42 -11.17 -7.09
C ASP A 40 13.12 -9.88 -7.84
N ALA A 41 12.10 -9.87 -8.71
CA ALA A 41 11.75 -8.63 -9.38
C ALA A 41 11.13 -7.62 -8.43
N LEU A 42 10.26 -8.05 -7.51
CA LEU A 42 9.63 -7.12 -6.57
C LEU A 42 10.66 -6.52 -5.63
N GLU A 43 11.57 -7.35 -5.13
CA GLU A 43 12.66 -6.87 -4.30
C GLU A 43 13.74 -6.17 -5.11
N SER A 44 13.67 -6.23 -6.45
CA SER A 44 14.62 -5.54 -7.29
C SER A 44 14.46 -4.03 -7.14
N PRO A 45 15.52 -3.25 -7.40
CA PRO A 45 15.41 -1.79 -7.36
C PRO A 45 15.11 -1.16 -8.70
N GLU A 46 14.27 -1.78 -9.53
CA GLU A 46 14.24 -1.45 -10.96
C GLU A 46 12.87 -1.04 -11.51
N HIS A 47 11.88 -0.73 -10.66
CA HIS A 47 10.59 -0.19 -11.13
C HIS A 47 9.86 -1.13 -12.08
N CYS A 48 10.20 -2.42 -12.08
CA CYS A 48 9.92 -3.31 -13.21
C CYS A 48 8.63 -3.03 -13.96
N SER A 49 7.57 -2.65 -13.24
CA SER A 49 6.32 -2.22 -13.87
C SER A 49 5.56 -1.35 -12.89
N PRO A 50 4.62 -0.55 -13.38
CA PRO A 50 3.67 0.10 -12.46
C PRO A 50 2.90 -0.92 -11.66
N HIS A 51 2.71 -2.10 -12.22
CA HIS A 51 2.17 -3.23 -11.45
C HIS A 51 3.12 -3.62 -10.32
N HIS A 52 4.42 -3.70 -10.62
CA HIS A 52 5.40 -3.99 -9.58
C HIS A 52 5.33 -2.95 -8.47
N THR A 53 5.42 -1.66 -8.85
CA THR A 53 5.37 -0.57 -7.88
C THR A 53 4.13 -0.67 -6.98
N ALA A 54 3.01 -1.13 -7.54
CA ALA A 54 1.77 -1.20 -6.77
C ALA A 54 1.71 -2.48 -5.93
N LEU A 55 2.20 -3.60 -6.49
CA LEU A 55 2.25 -4.86 -5.76
C LEU A 55 3.10 -4.74 -4.51
N ARG A 56 4.25 -4.09 -4.62
CA ARG A 56 5.11 -3.89 -3.46
C ARG A 56 4.34 -3.24 -2.31
N GLN A 57 3.53 -2.21 -2.60
CA GLN A 57 2.88 -1.44 -1.54
C GLN A 57 1.76 -2.24 -0.89
N ALA A 58 1.02 -3.01 -1.70
CA ALA A 58 -0.05 -3.87 -1.17
C ALA A 58 0.51 -4.97 -0.29
N ILE A 59 1.62 -5.58 -0.69
CA ILE A 59 2.25 -6.62 0.11
C ILE A 59 2.57 -6.07 1.51
N LEU A 60 3.19 -4.89 1.58
CA LEU A 60 3.67 -4.39 2.86
C LEU A 60 2.53 -4.02 3.81
N CYS A 61 1.43 -3.49 3.30
CA CYS A 61 0.38 -3.04 4.19
C CYS A 61 -0.67 -4.10 4.47
N TRP A 62 -0.63 -5.26 3.79
CA TRP A 62 -1.25 -6.44 4.40
C TRP A 62 -0.50 -6.84 5.66
N GLY A 63 0.83 -6.71 5.65
CA GLY A 63 1.62 -7.03 6.83
C GLY A 63 1.36 -6.09 7.99
N ASP A 64 1.19 -4.79 7.69
CA ASP A 64 0.81 -3.85 8.74
C ASP A 64 -0.57 -4.18 9.32
N LEU A 65 -1.46 -4.76 8.49
CA LEU A 65 -2.75 -5.21 9.01
C LEU A 65 -2.58 -6.41 9.94
N MET A 66 -1.85 -7.43 9.51
CA MET A 66 -1.66 -8.60 10.37
C MET A 66 -0.80 -8.27 11.58
N THR A 67 0.08 -7.27 11.47
CA THR A 67 0.88 -6.91 12.64
C THR A 67 -0.01 -6.34 13.73
N LEU A 68 -0.97 -5.49 13.36
CA LEU A 68 -1.89 -4.95 14.37
C LEU A 68 -2.69 -6.08 15.00
N ALA A 69 -3.26 -6.95 14.16
CA ALA A 69 -3.98 -8.12 14.61
C ALA A 69 -3.22 -8.88 15.69
N THR A 70 -1.93 -9.12 15.44
CA THR A 70 -1.08 -9.79 16.42
C THR A 70 -1.05 -9.04 17.75
N TRP A 71 -0.83 -7.72 17.71
CA TRP A 71 -0.81 -6.94 18.94
C TRP A 71 -2.03 -7.20 19.80
N VAL A 72 -3.22 -7.20 19.19
CA VAL A 72 -4.44 -7.30 19.96
C VAL A 72 -4.49 -8.64 20.69
N GLY A 73 -4.23 -9.74 19.97
CA GLY A 73 -4.28 -11.05 20.59
C GLY A 73 -3.18 -11.28 21.62
N THR A 74 -2.06 -10.56 21.48
CA THR A 74 -0.94 -10.68 22.41
C THR A 74 -1.18 -9.85 23.67
N ASN A 75 -1.46 -8.57 23.49
CA ASN A 75 -1.47 -7.60 24.57
C ASN A 75 -2.81 -7.52 25.30
N LEU A 76 -3.88 -8.10 24.75
CA LEU A 76 -5.21 -8.10 25.36
C LEU A 76 -5.63 -9.50 25.81
N GLU A 77 -6.63 -9.53 26.69
CA GLU A 77 -7.14 -10.79 27.23
C GLU A 77 -7.73 -11.64 26.12
N ASP A 78 -7.67 -12.95 26.31
CA ASP A 78 -7.82 -13.81 25.15
C ASP A 78 -9.21 -13.87 24.51
N PRO A 79 -10.32 -13.39 25.12
CA PRO A 79 -11.55 -13.24 24.34
C PRO A 79 -11.37 -12.35 23.09
N ALA A 80 -10.72 -11.20 23.22
CA ALA A 80 -10.26 -10.42 22.08
C ALA A 80 -8.92 -10.98 21.64
N SER A 81 -8.90 -11.68 20.51
CA SER A 81 -7.68 -12.38 20.12
C SER A 81 -7.28 -12.03 18.69
N ARG A 82 -6.09 -12.50 18.32
CA ARG A 82 -5.64 -12.32 16.94
C ARG A 82 -6.66 -12.90 15.97
N ASP A 83 -7.24 -14.04 16.34
CA ASP A 83 -8.23 -14.66 15.47
C ASP A 83 -9.46 -13.77 15.30
N LEU A 84 -9.82 -13.01 16.33
CA LEU A 84 -10.97 -12.12 16.18
C LEU A 84 -10.66 -10.97 15.23
N VAL A 85 -9.55 -10.27 15.45
CA VAL A 85 -9.18 -9.14 14.58
C VAL A 85 -9.05 -9.61 13.14
N VAL A 86 -8.35 -10.73 12.91
CA VAL A 86 -8.15 -11.25 11.57
C VAL A 86 -9.47 -11.61 10.92
N SER A 87 -10.36 -12.27 11.67
CA SER A 87 -11.70 -12.49 11.14
C SER A 87 -12.37 -11.19 10.74
N TYR A 88 -12.06 -10.10 11.44
CA TYR A 88 -12.62 -8.80 11.08
C TYR A 88 -12.01 -8.31 9.77
N VAL A 89 -10.66 -8.37 9.69
CA VAL A 89 -9.94 -7.99 8.48
C VAL A 89 -10.48 -8.72 7.27
N ASN A 90 -10.54 -10.05 7.34
CA ASN A 90 -10.89 -10.82 6.14
C ASN A 90 -12.31 -10.55 5.72
N THR A 91 -13.15 -10.14 6.69
CA THR A 91 -14.52 -9.77 6.41
C THR A 91 -14.59 -8.42 5.70
N ASN A 92 -13.58 -7.60 5.92
CA ASN A 92 -13.56 -6.22 5.49
C ASN A 92 -12.76 -6.09 4.20
N VAL A 93 -11.52 -5.65 4.40
CA VAL A 93 -10.56 -5.50 3.32
C VAL A 93 -9.99 -6.81 2.81
N GLY A 94 -10.40 -7.96 3.34
CA GLY A 94 -9.78 -9.20 2.87
C GLY A 94 -9.99 -9.43 1.39
N LEU A 95 -11.24 -9.30 0.93
CA LEU A 95 -11.53 -9.51 -0.47
C LEU A 95 -10.84 -8.45 -1.33
N LYS A 96 -10.89 -7.20 -0.87
CA LYS A 96 -10.27 -6.08 -1.55
C LYS A 96 -8.78 -6.34 -1.79
N PHE A 97 -8.12 -7.00 -0.85
CA PHE A 97 -6.72 -7.33 -1.05
C PHE A 97 -6.55 -8.54 -1.98
N ARG A 98 -7.46 -9.50 -1.93
CA ARG A 98 -7.41 -10.61 -2.88
C ARG A 98 -7.62 -10.11 -4.32
N GLN A 99 -8.61 -9.25 -4.53
CA GLN A 99 -8.83 -8.73 -5.88
C GLN A 99 -7.61 -7.97 -6.39
N LEU A 100 -7.02 -7.12 -5.55
CA LEU A 100 -5.82 -6.38 -5.90
C LEU A 100 -4.67 -7.32 -6.24
N LEU A 101 -4.30 -8.20 -5.31
CA LEU A 101 -3.22 -9.15 -5.56
C LEU A 101 -3.46 -9.93 -6.85
N TRP A 102 -4.65 -10.50 -7.00
CA TRP A 102 -5.00 -11.19 -8.25
C TRP A 102 -4.79 -10.28 -9.46
N PHE A 103 -5.40 -9.09 -9.46
CA PHE A 103 -5.38 -8.25 -10.66
C PHE A 103 -3.95 -7.93 -11.08
N HIS A 104 -3.10 -7.61 -10.12
CA HIS A 104 -1.75 -7.17 -10.44
C HIS A 104 -0.85 -8.36 -10.77
N ILE A 105 -0.99 -9.47 -10.04
CA ILE A 105 -0.24 -10.67 -10.41
C ILE A 105 -0.71 -11.19 -11.76
N SER A 106 -2.02 -11.45 -11.90
CA SER A 106 -2.54 -11.98 -13.16
C SER A 106 -2.28 -11.03 -14.32
N CYS A 107 -2.18 -9.73 -14.05
CA CYS A 107 -1.76 -8.81 -15.11
C CYS A 107 -0.29 -8.98 -15.46
N LEU A 108 0.53 -9.51 -14.55
CA LEU A 108 1.94 -9.73 -14.88
C LEU A 108 2.12 -11.03 -15.64
N THR A 109 1.47 -12.11 -15.19
CA THR A 109 1.55 -13.40 -15.86
C THR A 109 1.06 -13.30 -17.31
N PHE A 110 -0.23 -13.07 -17.49
CA PHE A 110 -0.79 -12.80 -18.81
C PHE A 110 -0.73 -11.31 -19.10
N GLY A 111 -1.00 -10.94 -20.35
CA GLY A 111 -1.07 -9.53 -20.67
C GLY A 111 -2.07 -8.83 -19.78
N ARG A 112 -1.77 -7.59 -19.42
CA ARG A 112 -2.77 -6.80 -18.71
C ARG A 112 -4.10 -6.83 -19.48
N GLU A 113 -4.04 -6.53 -20.79
CA GLU A 113 -5.25 -6.50 -21.60
C GLU A 113 -5.98 -7.83 -21.59
N THR A 114 -5.23 -8.95 -21.59
CA THR A 114 -5.85 -10.27 -21.48
C THR A 114 -6.75 -10.33 -20.26
N VAL A 115 -6.26 -9.81 -19.13
CA VAL A 115 -7.00 -9.89 -17.87
C VAL A 115 -8.26 -9.06 -17.94
N LEU A 116 -8.16 -7.83 -18.44
CA LEU A 116 -9.33 -6.96 -18.49
C LEU A 116 -10.43 -7.55 -19.37
N GLU A 117 -10.06 -8.07 -20.53
CA GLU A 117 -11.05 -8.72 -21.38
C GLU A 117 -11.64 -9.97 -20.72
N TYR A 118 -10.84 -10.68 -19.91
CA TYR A 118 -11.34 -11.82 -19.17
C TYR A 118 -12.40 -11.38 -18.15
N LEU A 119 -12.12 -10.31 -17.42
CA LEU A 119 -13.03 -9.84 -16.38
C LEU A 119 -14.45 -9.69 -16.92
N VAL A 120 -14.60 -9.07 -18.09
CA VAL A 120 -15.93 -8.81 -18.62
C VAL A 120 -16.55 -10.10 -19.14
N SER A 121 -15.79 -10.87 -19.92
CA SER A 121 -16.34 -12.07 -20.54
C SER A 121 -16.63 -13.14 -19.49
N PHE A 122 -15.69 -13.38 -18.57
CA PHE A 122 -15.97 -14.33 -17.50
C PHE A 122 -17.14 -13.87 -16.65
N GLY A 123 -17.19 -12.57 -16.36
CA GLY A 123 -18.28 -12.05 -15.54
C GLY A 123 -19.65 -12.31 -16.13
N VAL A 124 -19.80 -12.07 -17.43
CA VAL A 124 -21.10 -12.36 -18.04
C VAL A 124 -21.29 -13.86 -18.21
N TRP A 125 -20.21 -14.60 -18.41
CA TRP A 125 -20.33 -16.02 -18.69
C TRP A 125 -20.92 -16.76 -17.49
N ILE A 126 -20.44 -16.47 -16.27
CA ILE A 126 -20.97 -17.16 -15.09
C ILE A 126 -22.41 -16.75 -14.82
N ARG A 127 -22.77 -15.50 -15.15
CA ARG A 127 -24.16 -15.05 -15.07
C ARG A 127 -25.06 -15.62 -16.16
N THR A 128 -24.49 -16.34 -17.21
CA THR A 128 -25.38 -16.77 -18.27
C THR A 128 -25.85 -18.21 -18.04
N PRO A 129 -27.13 -18.49 -18.29
CA PRO A 129 -27.62 -19.87 -18.24
C PRO A 129 -26.77 -20.77 -19.11
N PRO A 130 -26.45 -21.98 -18.63
CA PRO A 130 -25.68 -22.92 -19.47
C PRO A 130 -26.22 -23.04 -20.88
N ALA A 131 -27.55 -23.07 -21.05
CA ALA A 131 -28.12 -23.29 -22.37
C ALA A 131 -27.76 -22.17 -23.34
N ALA A 132 -27.45 -20.98 -22.84
CA ALA A 132 -27.37 -19.79 -23.67
C ALA A 132 -25.95 -19.24 -23.76
N ARG A 133 -24.94 -20.04 -23.43
CA ARG A 133 -23.55 -19.65 -23.52
C ARG A 133 -22.75 -20.69 -24.28
N PRO A 134 -21.50 -20.38 -24.64
CA PRO A 134 -20.61 -21.44 -25.09
C PRO A 134 -20.30 -22.37 -23.94
N PRO A 135 -20.09 -23.66 -24.22
CA PRO A 135 -19.81 -24.60 -23.12
C PRO A 135 -18.52 -24.30 -22.35
N ASN A 136 -17.53 -23.67 -23.00
CA ASN A 136 -16.18 -23.53 -22.46
C ASN A 136 -15.91 -22.11 -21.99
N ALA A 137 -15.42 -21.97 -20.76
CA ALA A 137 -15.42 -20.68 -20.11
C ALA A 137 -14.32 -19.78 -20.68
N PRO A 138 -14.54 -18.47 -20.71
CA PRO A 138 -13.43 -17.54 -20.93
C PRO A 138 -12.28 -17.88 -20.00
N ILE A 139 -11.06 -17.85 -20.53
CA ILE A 139 -9.91 -18.24 -19.74
C ILE A 139 -8.75 -17.29 -20.02
N LEU A 140 -7.75 -17.36 -19.15
CA LEU A 140 -6.56 -16.53 -19.19
C LEU A 140 -5.37 -17.35 -19.67
N SER A 141 -4.72 -16.90 -20.74
CA SER A 141 -3.36 -17.31 -21.11
C SER A 141 -2.85 -16.41 -22.23
N THR A 142 -1.70 -16.77 -22.79
CA THR A 142 -1.01 -15.94 -23.77
C THR A 142 -0.91 -16.59 -25.15
N MET B 1 8.81 -13.39 2.35
CA MET B 1 9.28 -12.34 1.43
C MET B 1 9.58 -11.05 2.18
N ASP B 2 10.28 -10.12 1.50
CA ASP B 2 10.82 -8.93 2.15
C ASP B 2 11.08 -7.83 1.11
N ILE B 3 10.46 -6.66 1.28
CA ILE B 3 10.50 -5.57 0.29
C ILE B 3 10.76 -4.25 1.01
N ASP B 4 11.53 -3.38 0.38
CA ASP B 4 11.71 -2.01 0.87
C ASP B 4 10.98 -1.04 -0.06
N PRO B 5 9.90 -0.42 0.39
CA PRO B 5 9.09 0.44 -0.50
C PRO B 5 9.87 1.54 -1.16
N TYR B 6 11.08 1.83 -0.67
CA TYR B 6 11.98 2.89 -1.11
C TYR B 6 13.08 2.40 -2.05
N LYS B 7 13.33 1.10 -2.09
CA LYS B 7 14.47 0.59 -2.87
C LYS B 7 14.32 0.93 -4.35
N GLU B 8 13.13 0.68 -4.92
CA GLU B 8 12.92 0.96 -6.33
C GLU B 8 13.00 2.45 -6.67
N PHE B 9 13.12 3.32 -5.67
CA PHE B 9 13.16 4.77 -5.87
C PHE B 9 14.52 5.38 -5.52
N GLY B 10 15.45 4.56 -5.01
CA GLY B 10 16.77 5.05 -4.66
C GLY B 10 16.89 5.59 -3.24
N ALA B 11 16.30 4.91 -2.28
CA ALA B 11 16.49 5.22 -0.86
C ALA B 11 16.23 3.94 -0.11
N THR B 12 16.32 4.02 1.21
CA THR B 12 15.97 2.88 2.06
C THR B 12 15.19 3.35 3.27
N VAL B 13 14.74 2.38 4.07
CA VAL B 13 14.12 2.73 5.35
C VAL B 13 15.13 3.39 6.28
N GLU B 14 16.37 2.88 6.29
CA GLU B 14 17.37 3.44 7.20
C GLU B 14 17.65 4.88 6.86
N LEU B 15 17.64 5.23 5.56
CA LEU B 15 17.96 6.61 5.22
C LEU B 15 16.88 7.54 5.75
N LEU B 16 15.62 7.08 5.79
CA LEU B 16 14.61 7.99 6.33
C LEU B 16 14.57 7.96 7.85
N SER B 17 14.79 6.78 8.43
CA SER B 17 14.81 6.66 9.88
C SER B 17 15.89 7.54 10.50
N PHE B 18 16.94 7.90 9.75
CA PHE B 18 17.98 8.77 10.28
C PHE B 18 17.48 10.20 10.50
N LEU B 19 16.37 10.59 9.87
CA LEU B 19 15.67 11.82 10.23
C LEU B 19 14.95 11.67 11.57
N PRO B 20 14.85 12.74 12.37
CA PRO B 20 14.09 12.64 13.63
C PRO B 20 12.59 12.59 13.35
N SER B 21 11.86 11.90 14.24
CA SER B 21 10.42 11.71 14.03
C SER B 21 9.67 13.05 13.97
N ASP B 22 9.97 13.95 14.92
CA ASP B 22 9.32 15.24 14.97
C ASP B 22 9.48 16.05 13.71
N PHE B 23 10.39 15.66 12.82
CA PHE B 23 10.61 16.44 11.61
C PHE B 23 9.45 16.31 10.63
N PHE B 24 8.90 15.12 10.48
CA PHE B 24 7.84 14.88 9.49
C PHE B 24 6.51 15.49 9.94
N PRO B 25 5.73 16.06 9.04
CA PRO B 25 4.43 16.64 9.42
C PRO B 25 3.40 15.56 9.71
N SER B 26 2.24 16.00 10.18
CA SER B 26 1.22 15.07 10.64
C SER B 26 0.67 14.26 9.47
N VAL B 27 -0.02 13.16 9.79
CA VAL B 27 -0.69 12.40 8.73
C VAL B 27 -1.73 13.29 8.03
N ARG B 28 -2.45 14.13 8.78
CA ARG B 28 -3.46 14.93 8.10
C ARG B 28 -2.82 16.03 7.26
N ASP B 29 -1.76 16.66 7.75
CA ASP B 29 -1.16 17.75 6.97
C ASP B 29 -0.61 17.21 5.64
N LEU B 30 0.08 16.06 5.66
CA LEU B 30 0.54 15.43 4.42
C LEU B 30 -0.61 15.06 3.51
N LEU B 31 -1.64 14.40 4.05
CA LEU B 31 -2.80 14.08 3.22
C LEU B 31 -3.41 15.33 2.57
N ASP B 32 -3.55 16.43 3.34
CA ASP B 32 -4.06 17.66 2.77
C ASP B 32 -3.19 18.14 1.61
N THR B 33 -1.86 18.13 1.82
CA THR B 33 -0.94 18.63 0.81
C THR B 33 -0.96 17.74 -0.43
N ALA B 34 -1.04 16.43 -0.24
CA ALA B 34 -1.09 15.51 -1.38
C ALA B 34 -2.29 15.80 -2.29
N ALA B 35 -3.43 16.16 -1.69
CA ALA B 35 -4.59 16.57 -2.49
C ALA B 35 -4.33 17.88 -3.21
N ALA B 36 -4.07 18.96 -2.46
CA ALA B 36 -3.98 20.31 -3.05
C ALA B 36 -3.08 20.37 -4.28
N LEU B 37 -1.97 19.63 -4.29
CA LEU B 37 -1.05 19.67 -5.41
C LEU B 37 -1.38 18.64 -6.48
N TYR B 38 -1.57 17.37 -6.11
CA TYR B 38 -1.67 16.31 -7.10
C TYR B 38 -3.02 15.62 -7.09
N ARG B 39 -4.03 16.26 -6.49
CA ARG B 39 -5.43 15.85 -6.63
C ARG B 39 -5.68 15.38 -8.06
N ASP B 40 -5.48 16.30 -9.01
CA ASP B 40 -5.79 16.01 -10.41
C ASP B 40 -4.95 14.84 -10.93
N ALA B 41 -3.63 14.90 -10.73
CA ALA B 41 -2.79 13.82 -11.23
C ALA B 41 -3.15 12.47 -10.60
N LEU B 42 -3.37 12.46 -9.27
CA LEU B 42 -3.61 11.18 -8.58
C LEU B 42 -4.89 10.50 -9.04
N GLU B 43 -5.93 11.24 -9.37
CA GLU B 43 -7.19 10.64 -9.76
C GLU B 43 -7.29 10.38 -11.27
N SER B 44 -6.16 10.51 -11.99
CA SER B 44 -6.11 10.37 -13.44
C SER B 44 -5.96 8.92 -13.87
N PRO B 45 -6.32 8.62 -15.12
CA PRO B 45 -6.06 7.27 -15.67
C PRO B 45 -4.65 7.03 -16.22
N GLU B 46 -3.69 7.95 -16.04
CA GLU B 46 -2.30 7.74 -16.44
C GLU B 46 -1.42 7.58 -15.21
N HIS B 47 -0.74 6.44 -15.09
CA HIS B 47 0.37 6.43 -14.13
C HIS B 47 1.27 7.57 -14.52
N CYS B 48 1.28 8.64 -13.74
CA CYS B 48 2.14 9.75 -14.15
C CYS B 48 3.62 9.39 -14.01
N SER B 49 3.91 8.52 -13.05
CA SER B 49 5.25 8.10 -12.67
C SER B 49 5.11 7.04 -11.60
N PRO B 50 6.15 6.26 -11.35
CA PRO B 50 6.07 5.32 -10.22
C PRO B 50 5.87 6.00 -8.88
N HIS B 51 6.17 7.32 -8.77
CA HIS B 51 5.86 8.01 -7.52
C HIS B 51 4.36 8.19 -7.34
N HIS B 52 3.65 8.51 -8.43
CA HIS B 52 2.19 8.59 -8.39
C HIS B 52 1.58 7.23 -8.09
N THR B 53 2.05 6.20 -8.80
CA THR B 53 1.58 4.84 -8.58
C THR B 53 1.81 4.39 -7.14
N ALA B 54 2.95 4.77 -6.54
CA ALA B 54 3.17 4.40 -5.15
C ALA B 54 2.29 5.22 -4.20
N LEU B 55 2.08 6.50 -4.52
CA LEU B 55 1.34 7.39 -3.62
C LEU B 55 -0.14 7.00 -3.56
N ARG B 56 -0.73 6.60 -4.68
CA ARG B 56 -2.11 6.17 -4.66
C ARG B 56 -2.29 4.97 -3.76
N GLN B 57 -1.46 3.94 -3.92
CA GLN B 57 -1.64 2.72 -3.12
C GLN B 57 -1.38 2.99 -1.65
N ALA B 58 -0.27 3.66 -1.34
CA ALA B 58 0.04 4.03 0.05
C ALA B 58 -1.15 4.73 0.72
N ILE B 59 -1.70 5.77 0.08
CA ILE B 59 -2.82 6.53 0.65
C ILE B 59 -4.00 5.62 0.92
N LEU B 60 -4.34 4.74 -0.04
CA LEU B 60 -5.46 3.82 0.12
C LEU B 60 -5.17 2.75 1.17
N CYS B 61 -3.95 2.24 1.20
CA CYS B 61 -3.56 1.28 2.23
C CYS B 61 -3.74 1.85 3.62
N TRP B 62 -3.32 3.10 3.80
CA TRP B 62 -3.42 3.72 5.11
C TRP B 62 -4.87 3.81 5.56
N GLY B 63 -5.77 4.14 4.65
CA GLY B 63 -7.18 4.15 5.00
C GLY B 63 -7.68 2.80 5.46
N ASP B 64 -7.17 1.72 4.84
CA ASP B 64 -7.46 0.38 5.34
C ASP B 64 -6.90 0.20 6.75
N LEU B 65 -5.62 0.51 6.94
CA LEU B 65 -5.04 0.52 8.29
C LEU B 65 -5.91 1.33 9.26
N MET B 66 -6.38 2.50 8.83
CA MET B 66 -7.13 3.35 9.74
C MET B 66 -8.51 2.78 10.04
N THR B 67 -9.14 2.09 9.08
CA THR B 67 -10.40 1.44 9.37
C THR B 67 -10.22 0.38 10.45
N LEU B 68 -9.14 -0.41 10.33
CA LEU B 68 -8.91 -1.45 11.31
C LEU B 68 -8.63 -0.84 12.68
N ALA B 69 -7.75 0.16 12.72
CA ALA B 69 -7.41 0.83 13.98
C ALA B 69 -8.62 1.43 14.64
N THR B 70 -9.57 1.91 13.84
CA THR B 70 -10.82 2.42 14.39
C THR B 70 -11.64 1.30 15.00
N TRP B 71 -11.80 0.19 14.27
CA TRP B 71 -12.64 -0.88 14.77
C TRP B 71 -12.06 -1.44 16.06
N VAL B 72 -10.74 -1.57 16.12
CA VAL B 72 -10.08 -2.19 17.26
C VAL B 72 -10.17 -1.30 18.50
N GLY B 73 -10.01 0.02 18.33
CA GLY B 73 -10.03 0.93 19.46
C GLY B 73 -11.42 1.23 20.01
N THR B 74 -12.46 1.10 19.18
CA THR B 74 -13.83 1.41 19.55
C THR B 74 -14.60 0.19 20.05
N ASN B 75 -14.64 -0.86 19.25
CA ASN B 75 -15.58 -1.94 19.40
C ASN B 75 -15.01 -3.14 20.15
N LEU B 76 -13.78 -3.05 20.65
CA LEU B 76 -13.29 -4.03 21.60
C LEU B 76 -13.70 -3.59 23.00
N GLU B 77 -14.38 -4.46 23.73
CA GLU B 77 -14.76 -4.05 25.08
C GLU B 77 -13.61 -4.11 26.07
N ASP B 78 -12.44 -4.58 25.70
CA ASP B 78 -11.28 -4.40 26.57
C ASP B 78 -10.86 -2.93 26.54
N PRO B 79 -10.73 -2.27 27.69
CA PRO B 79 -10.43 -0.82 27.67
C PRO B 79 -9.02 -0.49 27.22
N ALA B 80 -8.06 -1.38 27.46
CA ALA B 80 -6.69 -1.26 26.97
C ALA B 80 -6.59 -1.24 25.46
N SER B 81 -7.69 -1.42 24.71
CA SER B 81 -7.60 -1.34 23.27
C SER B 81 -7.43 0.11 22.81
N ARG B 82 -7.99 1.08 23.54
CA ARG B 82 -7.66 2.49 23.29
C ARG B 82 -6.16 2.74 23.27
N ASP B 83 -5.52 2.59 24.44
CA ASP B 83 -4.07 2.81 24.55
C ASP B 83 -3.28 1.95 23.58
N LEU B 84 -3.76 0.76 23.25
CA LEU B 84 -3.00 -0.12 22.37
C LEU B 84 -3.02 0.41 20.94
N VAL B 85 -4.16 0.97 20.54
CA VAL B 85 -4.30 1.53 19.20
C VAL B 85 -3.58 2.88 19.10
N VAL B 86 -3.75 3.75 20.11
CA VAL B 86 -2.99 5.01 20.14
C VAL B 86 -1.49 4.71 20.07
N SER B 87 -0.99 3.79 20.91
CA SER B 87 0.41 3.42 20.84
C SER B 87 0.77 2.89 19.45
N TYR B 88 0.06 1.88 18.97
CA TYR B 88 0.37 1.33 17.65
C TYR B 88 0.47 2.43 16.58
N VAL B 89 -0.44 3.41 16.62
CA VAL B 89 -0.45 4.43 15.57
C VAL B 89 0.75 5.36 15.72
N ASN B 90 1.02 5.85 16.93
CA ASN B 90 2.15 6.75 17.12
C ASN B 90 3.49 6.00 17.05
N THR B 91 3.74 5.10 17.99
CA THR B 91 4.92 4.21 17.97
C THR B 91 5.27 3.73 16.58
N ASN B 92 4.35 3.02 15.95
CA ASN B 92 4.70 2.17 14.82
C ASN B 92 4.27 2.81 13.50
N VAL B 93 3.07 2.51 13.03
CA VAL B 93 2.77 2.69 11.60
C VAL B 93 2.50 4.14 11.20
N GLY B 94 1.96 4.98 12.07
CA GLY B 94 1.75 6.38 11.71
C GLY B 94 3.03 7.07 11.25
N LEU B 95 4.10 6.95 12.03
CA LEU B 95 5.36 7.59 11.66
C LEU B 95 5.98 6.94 10.42
N LYS B 96 5.92 5.61 10.32
CA LYS B 96 6.38 4.90 9.14
C LYS B 96 5.68 5.41 7.88
N PHE B 97 4.36 5.62 7.98
N PHE B 97 4.37 5.63 7.96
CA PHE B 97 3.56 6.16 6.90
CA PHE B 97 3.64 6.17 6.81
C PHE B 97 3.76 7.67 6.72
C PHE B 97 3.71 7.69 6.72
N ARG B 98 4.08 8.40 7.79
CA ARG B 98 4.35 9.83 7.64
C ARG B 98 5.60 10.06 6.81
N GLN B 99 6.61 9.20 7.00
CA GLN B 99 7.83 9.29 6.18
C GLN B 99 7.50 8.99 4.73
N LEU B 100 6.73 7.92 4.51
CA LEU B 100 6.46 7.45 3.16
C LEU B 100 5.70 8.50 2.36
N LEU B 101 4.67 9.11 2.96
CA LEU B 101 3.99 10.23 2.30
C LEU B 101 4.95 11.37 2.00
N TRP B 102 5.80 11.72 2.96
CA TRP B 102 6.67 12.87 2.75
C TRP B 102 7.65 12.59 1.61
N PHE B 103 8.20 11.38 1.55
CA PHE B 103 9.19 11.05 0.52
C PHE B 103 8.62 11.25 -0.89
N HIS B 104 7.48 10.62 -1.17
CA HIS B 104 6.94 10.63 -2.53
C HIS B 104 6.38 12.00 -2.90
N ILE B 105 5.91 12.77 -1.92
CA ILE B 105 5.41 14.11 -2.21
C ILE B 105 6.56 15.05 -2.51
N SER B 106 7.66 14.88 -1.78
CA SER B 106 8.83 15.73 -2.01
C SER B 106 9.53 15.35 -3.30
N CYS B 107 9.70 14.04 -3.57
CA CYS B 107 10.19 13.62 -4.88
C CYS B 107 9.37 14.27 -6.02
N LEU B 108 8.06 14.45 -5.81
CA LEU B 108 7.24 15.04 -6.85
C LEU B 108 7.41 16.56 -6.92
N THR B 109 7.65 17.21 -5.78
CA THR B 109 7.85 18.67 -5.75
C THR B 109 9.27 19.07 -6.17
N PHE B 110 10.28 18.43 -5.59
CA PHE B 110 11.68 18.81 -5.81
C PHE B 110 12.44 17.83 -6.70
N GLY B 111 11.82 16.72 -7.10
CA GLY B 111 12.50 15.75 -7.93
C GLY B 111 13.19 14.73 -7.06
N ARG B 112 13.15 13.47 -7.52
CA ARG B 112 13.79 12.37 -6.79
C ARG B 112 15.24 12.68 -6.45
N GLU B 113 16.01 13.17 -7.42
CA GLU B 113 17.44 13.35 -7.18
C GLU B 113 17.71 14.42 -6.14
N THR B 114 16.93 15.51 -6.13
CA THR B 114 17.10 16.54 -5.11
C THR B 114 16.84 15.98 -3.72
N VAL B 115 15.72 15.28 -3.56
CA VAL B 115 15.28 14.82 -2.25
C VAL B 115 16.31 13.87 -1.64
N LEU B 116 16.83 12.93 -2.44
CA LEU B 116 17.80 11.97 -1.93
C LEU B 116 19.01 12.67 -1.31
N GLU B 117 19.68 13.52 -2.10
CA GLU B 117 20.80 14.27 -1.57
C GLU B 117 20.47 14.99 -0.28
N TYR B 118 19.24 15.49 -0.16
CA TYR B 118 18.89 16.18 1.07
C TYR B 118 18.88 15.22 2.24
N LEU B 119 18.51 13.96 1.99
CA LEU B 119 18.58 12.96 3.05
C LEU B 119 20.00 12.82 3.55
N VAL B 120 20.92 12.55 2.63
CA VAL B 120 22.34 12.37 2.96
C VAL B 120 22.92 13.63 3.61
N SER B 121 22.53 14.82 3.15
CA SER B 121 23.00 16.04 3.79
C SER B 121 22.49 16.14 5.22
N PHE B 122 21.18 15.90 5.42
CA PHE B 122 20.62 15.79 6.76
C PHE B 122 21.32 14.71 7.57
N GLY B 123 21.83 13.68 6.88
CA GLY B 123 22.47 12.57 7.58
C GLY B 123 23.77 12.96 8.23
N VAL B 124 24.60 13.77 7.55
CA VAL B 124 25.83 14.29 8.15
C VAL B 124 25.48 15.28 9.27
N TRP B 125 24.46 16.12 9.06
CA TRP B 125 24.16 17.16 10.03
C TRP B 125 23.78 16.58 11.39
N ILE B 126 22.81 15.66 11.41
CA ILE B 126 22.40 14.99 12.65
C ILE B 126 23.54 14.22 13.28
N ARG B 127 24.23 13.38 12.49
CA ARG B 127 25.40 12.65 12.99
C ARG B 127 26.50 13.56 13.52
N THR B 128 26.44 14.83 13.24
CA THR B 128 27.55 15.69 13.65
C THR B 128 27.30 16.29 15.04
N PRO B 129 28.28 16.23 15.94
CA PRO B 129 28.15 16.89 17.26
C PRO B 129 27.68 18.32 17.12
N PRO B 130 26.82 18.79 18.03
CA PRO B 130 26.17 20.10 17.82
C PRO B 130 27.12 21.27 17.64
N ALA B 131 28.10 21.46 18.51
CA ALA B 131 28.98 22.62 18.34
C ALA B 131 29.77 22.56 17.05
N ALA B 132 29.71 21.46 16.31
CA ALA B 132 30.47 21.29 15.08
C ALA B 132 29.62 21.41 13.82
N ARG B 133 28.31 21.50 13.96
CA ARG B 133 27.38 21.71 12.86
C ARG B 133 26.85 23.14 12.88
N PRO B 134 26.09 23.53 11.85
CA PRO B 134 25.33 24.79 11.95
C PRO B 134 24.16 24.62 12.89
N PRO B 135 23.79 25.68 13.64
CA PRO B 135 22.56 25.58 14.44
C PRO B 135 21.34 25.17 13.63
N ASN B 136 21.10 25.79 12.49
CA ASN B 136 20.02 25.34 11.63
C ASN B 136 20.43 24.05 10.94
N ALA B 137 19.54 23.07 10.97
CA ALA B 137 19.72 21.89 10.13
C ALA B 137 19.42 22.23 8.67
N PRO B 138 19.87 21.38 7.72
CA PRO B 138 19.55 21.58 6.30
C PRO B 138 18.09 21.83 5.96
N ILE B 139 17.84 22.20 4.69
CA ILE B 139 16.51 22.59 4.22
C ILE B 139 16.42 22.27 2.72
N LEU B 140 15.21 21.90 2.27
CA LEU B 140 14.96 21.43 0.91
C LEU B 140 14.41 22.56 0.05
N SER B 141 14.99 22.73 -1.15
CA SER B 141 14.49 23.70 -2.14
C SER B 141 14.93 23.26 -3.54
N THR B 142 14.58 24.07 -4.54
CA THR B 142 14.90 23.82 -5.94
C THR B 142 16.30 24.32 -6.34
CL CL C . -25.82 -9.53 -10.84
CL CL D . 25.94 5.28 10.00
CL CL E . -2.66 14.07 12.52
#